data_1Z18
#
_entry.id   1Z18
#
_cell.length_a   58.420
_cell.length_b   70.340
_cell.length_c   82.900
_cell.angle_alpha   90.00
_cell.angle_beta   90.00
_cell.angle_gamma   90.00
#
_symmetry.space_group_name_H-M   'P 21 21 21'
#
loop_
_entity.id
_entity.type
_entity.pdbx_description
1 polymer 'Leu/Ile/Val-binding protein'
2 non-polymer 'CADMIUM ION'
3 non-polymer VALINE
4 water water
#
_entity_poly.entity_id   1
_entity_poly.type   'polypeptide(L)'
_entity_poly.pdbx_seq_one_letter_code
;EDIKVAVVGAMSGPVAQYGDQEFTGAEQAVADINAKGGIKGNKLQIVKYDDACDPKQAVAVANKVVNDGIKYVIGHLCSS
STQPASDIYEDEGILMITPAATAPELTARGYQLILRTTGLDSDQGPTAAKYILEKVKPQRIAIVHDKQQYGEGLARAVQD
GLKKGNANVVFFDGITAGEKDFSTLVARLKKENIDFVYYGGYHPEMGQILRQARAAGLKTQFMGPEGVANVSLSNIAGES
AEGLLVTKPKNYDQVPANKPIVDAIKAKKQDPSGAFVWTTYAALQSLQAGLNQSDDPAEIAKYLKANSVDTVMGPLTWDE
KGDLKGFEFGVFDWHANGTATDAK
;
_entity_poly.pdbx_strand_id   A
#
loop_
_chem_comp.id
_chem_comp.type
_chem_comp.name
_chem_comp.formula
CD non-polymer 'CADMIUM ION' 'Cd 2'
#
# COMPACT_ATOMS: atom_id res chain seq x y z
N GLU A 1 -7.45 27.26 -16.70
CA GLU A 1 -8.60 26.80 -15.87
C GLU A 1 -8.12 25.54 -15.17
N ASP A 2 -7.61 25.66 -13.96
CA ASP A 2 -7.12 24.51 -13.22
C ASP A 2 -8.18 23.42 -13.03
N ILE A 3 -7.73 22.18 -13.01
CA ILE A 3 -8.56 21.00 -12.80
C ILE A 3 -8.20 20.51 -11.38
N LYS A 4 -9.16 20.58 -10.48
CA LYS A 4 -8.94 20.16 -9.09
C LYS A 4 -8.85 18.64 -8.92
N VAL A 5 -7.80 18.19 -8.24
CA VAL A 5 -7.61 16.77 -7.96
C VAL A 5 -7.28 16.64 -6.49
N ALA A 6 -8.18 16.03 -5.73
CA ALA A 6 -7.97 15.82 -4.31
C ALA A 6 -7.00 14.70 -4.10
N VAL A 7 -5.98 14.91 -3.27
CA VAL A 7 -5.03 13.86 -2.96
C VAL A 7 -5.30 13.67 -1.46
N VAL A 8 -5.72 12.46 -1.09
CA VAL A 8 -6.07 12.12 0.29
C VAL A 8 -5.27 10.93 0.87
N GLY A 9 -4.64 11.15 2.02
CA GLY A 9 -3.87 10.09 2.67
C GLY A 9 -3.47 10.51 4.09
N ALA A 10 -2.81 9.62 4.81
CA ALA A 10 -2.40 9.95 6.18
C ALA A 10 -1.23 10.92 6.15
N MET A 11 -1.48 12.16 6.52
CA MET A 11 -0.40 13.15 6.54
C MET A 11 0.08 13.32 7.96
N SER A 12 -0.66 12.78 8.91
CA SER A 12 -0.32 12.87 10.31
C SER A 12 -0.66 11.54 10.93
N GLY A 13 -0.40 11.38 12.21
CA GLY A 13 -0.73 10.12 12.81
C GLY A 13 0.36 9.08 12.73
N PRO A 14 0.09 7.87 13.23
CA PRO A 14 0.98 6.72 13.28
C PRO A 14 1.62 6.26 11.98
N VAL A 15 0.89 6.40 10.88
CA VAL A 15 1.39 5.91 9.60
C VAL A 15 1.51 7.00 8.56
N ALA A 16 1.96 8.18 9.00
CA ALA A 16 2.11 9.32 8.14
C ALA A 16 3.13 9.05 7.02
N GLN A 17 3.96 8.03 7.20
CA GLN A 17 4.94 7.65 6.18
C GLN A 17 4.22 7.24 4.88
N TYR A 18 3.04 6.63 4.96
CA TYR A 18 2.30 6.24 3.74
C TYR A 18 1.97 7.51 2.95
N GLY A 19 1.56 8.54 3.68
CA GLY A 19 1.20 9.81 3.06
C GLY A 19 2.41 10.54 2.48
N ASP A 20 3.53 10.46 3.18
CA ASP A 20 4.73 11.13 2.69
C ASP A 20 5.09 10.58 1.31
N GLN A 21 4.92 9.27 1.15
CA GLN A 21 5.22 8.64 -0.13
C GLN A 21 4.18 9.07 -1.17
N GLU A 22 2.90 8.95 -0.82
CA GLU A 22 1.82 9.32 -1.75
C GLU A 22 1.92 10.78 -2.24
N PHE A 23 2.04 11.72 -1.31
CA PHE A 23 2.13 13.11 -1.74
C PHE A 23 3.38 13.43 -2.53
N THR A 24 4.50 12.77 -2.22
CA THR A 24 5.71 12.99 -3.00
C THR A 24 5.45 12.56 -4.46
N GLY A 25 4.86 11.37 -4.64
CA GLY A 25 4.55 10.89 -5.97
C GLY A 25 3.51 11.76 -6.70
N ALA A 26 2.45 12.16 -6.00
CA ALA A 26 1.42 12.98 -6.62
C ALA A 26 1.99 14.32 -7.03
N GLU A 27 2.80 14.91 -6.16
CA GLU A 27 3.39 16.23 -6.42
C GLU A 27 4.31 16.29 -7.64
N GLN A 28 5.16 15.29 -7.77
CA GLN A 28 6.10 15.25 -8.88
C GLN A 28 5.39 15.00 -10.20
N ALA A 29 4.44 14.08 -10.17
CA ALA A 29 3.69 13.73 -11.38
C ALA A 29 2.90 14.92 -11.91
N VAL A 30 2.36 15.71 -10.97
CA VAL A 30 1.58 16.88 -11.32
C VAL A 30 2.55 17.95 -11.84
N ALA A 31 3.74 17.99 -11.27
CA ALA A 31 4.75 18.92 -11.74
C ALA A 31 5.13 18.56 -13.19
N ASP A 32 5.33 17.27 -13.45
CA ASP A 32 5.71 16.79 -14.79
C ASP A 32 4.61 16.98 -15.85
N ILE A 33 3.37 16.71 -15.49
CA ILE A 33 2.23 16.83 -16.41
C ILE A 33 2.02 18.29 -16.75
N ASN A 34 2.03 19.12 -15.72
CA ASN A 34 1.83 20.53 -15.94
C ASN A 34 2.95 21.09 -16.80
N ALA A 35 4.20 20.71 -16.51
CA ALA A 35 5.35 21.21 -17.27
C ALA A 35 5.22 20.97 -18.77
N LYS A 36 4.51 19.91 -19.16
CA LYS A 36 4.35 19.61 -20.57
C LYS A 36 3.05 20.20 -21.11
N GLY A 37 2.38 21.02 -20.31
CA GLY A 37 1.15 21.63 -20.78
C GLY A 37 -0.11 21.18 -20.07
N GLY A 38 -0.01 20.16 -19.22
CA GLY A 38 -1.17 19.66 -18.49
C GLY A 38 -2.16 18.93 -19.38
N ILE A 39 -3.45 19.16 -19.16
CA ILE A 39 -4.48 18.51 -19.97
C ILE A 39 -5.02 19.50 -21.01
N LYS A 40 -4.56 19.36 -22.25
CA LYS A 40 -5.01 20.25 -23.32
C LYS A 40 -4.93 21.70 -22.91
N GLY A 41 -3.86 22.03 -22.21
CA GLY A 41 -3.65 23.39 -21.78
C GLY A 41 -4.06 23.68 -20.35
N ASN A 42 -5.00 22.91 -19.80
CA ASN A 42 -5.42 23.17 -18.44
C ASN A 42 -4.56 22.43 -17.43
N LYS A 43 -4.07 23.17 -16.43
CA LYS A 43 -3.21 22.58 -15.39
C LYS A 43 -3.96 21.86 -14.28
N LEU A 44 -3.31 20.85 -13.72
CA LEU A 44 -3.89 20.09 -12.63
C LEU A 44 -3.56 20.82 -11.34
N GLN A 45 -4.51 20.86 -10.43
CA GLN A 45 -4.30 21.50 -9.16
C GLN A 45 -4.62 20.51 -8.05
N ILE A 46 -3.61 20.22 -7.25
CA ILE A 46 -3.73 19.30 -6.12
C ILE A 46 -4.37 20.02 -4.91
N VAL A 47 -5.38 19.39 -4.32
CA VAL A 47 -6.01 19.91 -3.11
C VAL A 47 -5.72 18.79 -2.09
N LYS A 48 -4.98 19.13 -1.03
CA LYS A 48 -4.57 18.17 -0.02
C LYS A 48 -5.45 17.94 1.20
N TYR A 49 -5.81 16.67 1.42
CA TYR A 49 -6.63 16.26 2.58
C TYR A 49 -5.89 15.18 3.39
N ASP A 50 -5.98 15.31 4.71
CA ASP A 50 -5.36 14.37 5.64
C ASP A 50 -6.50 13.59 6.32
N ASP A 51 -6.56 12.28 6.14
CA ASP A 51 -7.61 11.49 6.77
C ASP A 51 -6.99 10.67 7.90
N ALA A 52 -5.71 10.94 8.16
CA ALA A 52 -4.94 10.24 9.20
C ALA A 52 -5.06 8.74 9.17
N CYS A 53 -5.58 8.19 8.06
CA CYS A 53 -5.81 6.75 7.90
C CYS A 53 -6.74 6.27 9.01
N ASP A 54 -7.71 7.14 9.32
CA ASP A 54 -8.73 6.95 10.34
C ASP A 54 -10.06 6.90 9.59
N PRO A 55 -10.87 5.85 9.84
CA PRO A 55 -12.17 5.73 9.17
C PRO A 55 -13.12 6.91 9.39
N LYS A 56 -13.24 7.39 10.63
CA LYS A 56 -14.12 8.53 10.87
C LYS A 56 -13.60 9.79 10.20
N GLN A 57 -12.32 10.08 10.33
CA GLN A 57 -11.83 11.30 9.68
C GLN A 57 -11.87 11.20 8.15
N ALA A 58 -11.91 9.99 7.61
CA ALA A 58 -11.94 9.83 6.15
C ALA A 58 -13.33 10.17 5.59
N VAL A 59 -14.36 9.82 6.34
CA VAL A 59 -15.73 10.14 5.94
C VAL A 59 -15.87 11.67 5.90
N ALA A 60 -15.35 12.33 6.95
CA ALA A 60 -15.40 13.80 7.04
C ALA A 60 -14.71 14.42 5.84
N VAL A 61 -13.65 13.76 5.38
CA VAL A 61 -12.89 14.22 4.21
C VAL A 61 -13.74 14.00 2.96
N ALA A 62 -14.33 12.82 2.85
CA ALA A 62 -15.16 12.48 1.70
C ALA A 62 -16.28 13.49 1.57
N ASN A 63 -16.96 13.76 2.67
CA ASN A 63 -18.06 14.73 2.61
C ASN A 63 -17.57 16.13 2.16
N LYS A 64 -16.38 16.54 2.60
CA LYS A 64 -15.83 17.84 2.23
C LYS A 64 -15.45 17.91 0.74
N VAL A 65 -14.93 16.83 0.24
CA VAL A 65 -14.54 16.68 -1.18
C VAL A 65 -15.79 16.74 -2.07
N VAL A 66 -16.83 15.98 -1.71
CA VAL A 66 -18.09 16.02 -2.43
C VAL A 66 -18.64 17.45 -2.44
N ASN A 67 -18.57 18.09 -1.27
CA ASN A 67 -19.03 19.46 -1.05
C ASN A 67 -18.24 20.52 -1.81
N ASP A 68 -16.93 20.31 -1.96
CA ASP A 68 -16.08 21.27 -2.65
C ASP A 68 -16.20 21.14 -4.17
N GLY A 69 -17.03 20.24 -4.65
CA GLY A 69 -17.19 20.09 -6.08
C GLY A 69 -16.10 19.38 -6.86
N ILE A 70 -15.15 18.75 -6.14
CA ILE A 70 -14.04 18.01 -6.74
C ILE A 70 -14.54 16.66 -7.31
N LYS A 71 -14.15 16.35 -8.54
CA LYS A 71 -14.61 15.11 -9.20
C LYS A 71 -13.68 13.92 -9.22
N TYR A 72 -12.42 14.14 -8.86
CA TYR A 72 -11.45 13.06 -8.87
C TYR A 72 -10.66 13.04 -7.59
N VAL A 73 -10.55 11.85 -7.03
CA VAL A 73 -9.83 11.64 -5.80
C VAL A 73 -8.77 10.62 -6.07
N ILE A 74 -7.53 10.99 -5.73
CA ILE A 74 -6.39 10.10 -5.88
C ILE A 74 -6.21 9.74 -4.42
N GLY A 75 -6.58 8.48 -3.83
CA GLY A 75 -6.52 8.03 -2.45
C GLY A 75 -7.74 7.15 -2.20
N HIS A 76 -8.08 6.86 -0.95
CA HIS A 76 -7.23 7.06 0.21
C HIS A 76 -6.20 5.93 0.21
N LEU A 77 -5.50 5.72 1.32
CA LEU A 77 -4.48 4.68 1.41
C LEU A 77 -4.82 3.41 2.17
N CYS A 78 -5.17 3.55 3.49
CA CYS A 78 -5.51 2.38 4.32
C CYS A 78 -6.88 1.89 3.88
N SER A 79 -7.05 0.57 3.90
CA SER A 79 -8.33 -0.01 3.48
C SER A 79 -9.53 0.33 4.37
N SER A 80 -9.39 0.19 5.68
CA SER A 80 -10.53 0.46 6.53
C SER A 80 -10.96 1.94 6.53
N SER A 81 -10.08 2.83 6.06
CA SER A 81 -10.49 4.22 6.00
C SER A 81 -10.95 4.47 4.56
N THR A 82 -10.37 3.74 3.60
CA THR A 82 -10.81 3.93 2.21
C THR A 82 -12.27 3.42 1.96
N GLN A 83 -12.64 2.33 2.63
CA GLN A 83 -13.97 1.70 2.50
C GLN A 83 -15.10 2.72 2.66
N PRO A 84 -15.28 3.29 3.87
CA PRO A 84 -16.36 4.26 4.01
C PRO A 84 -16.29 5.47 3.05
N ALA A 85 -15.08 5.95 2.77
CA ALA A 85 -14.90 7.08 1.86
C ALA A 85 -15.39 6.71 0.45
N SER A 86 -14.94 5.54 0.00
CA SER A 86 -15.28 4.96 -1.29
C SER A 86 -16.79 4.94 -1.60
N ASP A 87 -17.56 4.56 -0.59
CA ASP A 87 -19.00 4.47 -0.73
C ASP A 87 -19.63 5.84 -0.96
N ILE A 88 -19.12 6.86 -0.27
CA ILE A 88 -19.62 8.22 -0.43
C ILE A 88 -19.25 8.73 -1.82
N TYR A 89 -18.06 8.38 -2.29
CA TYR A 89 -17.65 8.84 -3.63
C TYR A 89 -18.52 8.16 -4.69
N GLU A 90 -18.76 6.85 -4.54
CA GLU A 90 -19.56 6.08 -5.50
C GLU A 90 -20.98 6.60 -5.56
N ASP A 91 -21.60 6.80 -4.43
CA ASP A 91 -22.93 7.33 -4.43
C ASP A 91 -22.98 8.72 -4.97
N GLU A 92 -21.84 9.40 -5.02
CA GLU A 92 -21.84 10.77 -5.44
C GLU A 92 -21.28 11.05 -6.80
N GLY A 93 -20.83 10.01 -7.51
CA GLY A 93 -20.30 10.23 -8.84
C GLY A 93 -18.90 10.82 -8.93
N ILE A 94 -18.08 10.52 -7.92
CA ILE A 94 -16.72 11.02 -7.90
C ILE A 94 -15.78 9.85 -8.16
N LEU A 95 -14.88 10.02 -9.12
CA LEU A 95 -13.92 8.98 -9.44
C LEU A 95 -12.93 8.86 -8.28
N MET A 96 -12.50 7.63 -7.99
CA MET A 96 -11.53 7.41 -6.91
C MET A 96 -10.51 6.35 -7.32
N ILE A 97 -9.25 6.78 -7.46
CA ILE A 97 -8.19 5.84 -7.83
C ILE A 97 -7.33 5.70 -6.57
N THR A 98 -7.23 4.50 -6.05
CA THR A 98 -6.43 4.29 -4.85
C THR A 98 -5.08 3.68 -5.21
N PRO A 99 -3.99 4.30 -4.72
CA PRO A 99 -2.65 3.81 -5.00
C PRO A 99 -2.10 2.93 -3.92
N ALA A 100 -2.92 2.52 -2.97
CA ALA A 100 -2.35 1.72 -1.90
C ALA A 100 -3.28 0.73 -1.24
N ALA A 101 -4.58 1.00 -1.29
CA ALA A 101 -5.56 0.08 -0.66
C ALA A 101 -5.59 -1.25 -1.39
N THR A 102 -5.32 -2.34 -0.66
CA THR A 102 -5.24 -3.69 -1.22
C THR A 102 -6.30 -4.73 -0.78
N ALA A 103 -7.12 -4.44 0.22
CA ALA A 103 -8.12 -5.42 0.64
C ALA A 103 -9.08 -5.66 -0.53
N PRO A 104 -9.40 -6.94 -0.78
CA PRO A 104 -10.30 -7.32 -1.87
C PRO A 104 -11.69 -6.70 -1.81
N GLU A 105 -12.21 -6.54 -0.60
CA GLU A 105 -13.55 -5.99 -0.40
C GLU A 105 -13.83 -4.68 -1.15
N LEU A 106 -12.83 -3.83 -1.33
CA LEU A 106 -13.01 -2.55 -2.02
C LEU A 106 -13.61 -2.62 -3.43
N THR A 107 -13.10 -3.55 -4.24
CA THR A 107 -13.58 -3.68 -5.61
C THR A 107 -14.52 -4.88 -5.77
N ALA A 108 -15.05 -5.39 -4.65
CA ALA A 108 -15.94 -6.54 -4.73
C ALA A 108 -17.38 -6.14 -4.60
N ARG A 109 -17.65 -4.86 -4.49
CA ARG A 109 -19.00 -4.42 -4.24
C ARG A 109 -19.85 -3.87 -5.39
N GLY A 110 -19.43 -4.04 -6.64
CA GLY A 110 -20.20 -3.56 -7.77
C GLY A 110 -19.92 -2.13 -8.17
N TYR A 111 -19.08 -1.44 -7.40
CA TYR A 111 -18.74 -0.05 -7.67
C TYR A 111 -18.22 0.10 -9.09
N GLN A 112 -18.71 1.12 -9.78
CA GLN A 112 -18.32 1.37 -11.17
C GLN A 112 -17.35 2.52 -11.28
N LEU A 113 -17.13 3.22 -10.17
CA LEU A 113 -16.24 4.38 -10.15
C LEU A 113 -14.96 4.24 -9.32
N ILE A 114 -14.47 3.02 -9.15
CA ILE A 114 -13.24 2.80 -8.40
C ILE A 114 -12.19 2.05 -9.17
N LEU A 115 -10.94 2.48 -9.02
CA LEU A 115 -9.81 1.82 -9.65
C LEU A 115 -8.64 1.81 -8.67
N ARG A 116 -7.71 0.88 -8.86
CA ARG A 116 -6.51 0.79 -8.03
C ARG A 116 -5.28 0.83 -8.94
N THR A 117 -4.18 1.32 -8.40
CA THR A 117 -2.92 1.30 -9.13
C THR A 117 -1.94 0.44 -8.30
N THR A 118 -2.52 -0.47 -7.52
CA THR A 118 -1.77 -1.43 -6.72
C THR A 118 -2.52 -2.74 -6.80
N GLY A 119 -1.96 -3.81 -6.26
CA GLY A 119 -2.60 -5.12 -6.32
C GLY A 119 -3.60 -5.49 -5.22
N LEU A 120 -3.96 -6.77 -5.15
CA LEU A 120 -4.93 -7.29 -4.19
C LEU A 120 -4.28 -8.22 -3.18
N ASP A 121 -4.80 -8.24 -1.95
CA ASP A 121 -4.22 -9.12 -0.96
C ASP A 121 -4.59 -10.56 -1.27
N SER A 122 -5.52 -10.73 -2.21
CA SER A 122 -5.90 -12.09 -2.61
C SER A 122 -4.76 -12.69 -3.42
N ASP A 123 -3.83 -11.83 -3.82
CA ASP A 123 -2.60 -12.23 -4.50
C ASP A 123 -1.43 -12.10 -3.53
N GLN A 124 -1.36 -10.97 -2.81
CA GLN A 124 -0.26 -10.76 -1.87
C GLN A 124 -0.15 -11.87 -0.81
N GLY A 125 -1.28 -12.27 -0.25
CA GLY A 125 -1.29 -13.33 0.76
C GLY A 125 -0.69 -14.64 0.25
N PRO A 126 -1.26 -15.20 -0.83
CA PRO A 126 -0.84 -16.44 -1.49
C PRO A 126 0.65 -16.46 -1.82
N THR A 127 1.17 -15.32 -2.29
CA THR A 127 2.59 -15.19 -2.61
C THR A 127 3.46 -15.42 -1.35
N ALA A 128 3.04 -14.88 -0.21
CA ALA A 128 3.82 -15.05 1.02
C ALA A 128 3.80 -16.53 1.42
N ALA A 129 2.61 -17.13 1.40
CA ALA A 129 2.46 -18.55 1.76
C ALA A 129 3.33 -19.45 0.89
N LYS A 130 3.22 -19.30 -0.41
CA LYS A 130 3.99 -20.08 -1.35
C LYS A 130 5.47 -19.97 -1.06
N TYR A 131 5.94 -18.74 -0.89
CA TYR A 131 7.36 -18.51 -0.61
C TYR A 131 7.81 -19.20 0.68
N ILE A 132 6.96 -19.17 1.70
CA ILE A 132 7.32 -19.81 2.96
C ILE A 132 7.42 -21.31 2.78
N LEU A 133 6.45 -21.85 2.05
CA LEU A 133 6.41 -23.28 1.81
C LEU A 133 7.54 -23.80 0.91
N GLU A 134 7.95 -22.98 -0.05
CA GLU A 134 8.97 -23.39 -0.99
C GLU A 134 10.39 -22.96 -0.75
N LYS A 135 10.59 -21.85 -0.05
CA LYS A 135 11.92 -21.34 0.19
C LYS A 135 12.35 -21.24 1.65
N VAL A 136 11.40 -21.04 2.54
CA VAL A 136 11.76 -20.90 3.94
C VAL A 136 11.67 -22.23 4.66
N LYS A 137 10.58 -22.94 4.44
CA LYS A 137 10.34 -24.22 5.09
C LYS A 137 10.70 -24.19 6.57
N PRO A 138 10.00 -23.36 7.35
CA PRO A 138 10.28 -23.27 8.79
C PRO A 138 9.64 -24.45 9.51
N GLN A 139 9.94 -24.61 10.79
CA GLN A 139 9.39 -25.72 11.53
C GLN A 139 8.29 -25.37 12.51
N ARG A 140 8.27 -24.13 13.00
CA ARG A 140 7.26 -23.73 13.98
C ARG A 140 6.83 -22.29 13.75
N ILE A 141 5.70 -22.16 13.07
CA ILE A 141 5.08 -20.91 12.65
C ILE A 141 4.04 -20.33 13.58
N ALA A 142 4.06 -19.02 13.76
CA ALA A 142 3.07 -18.33 14.56
C ALA A 142 2.61 -17.22 13.62
N ILE A 143 1.34 -16.83 13.71
CA ILE A 143 0.85 -15.76 12.85
C ILE A 143 0.17 -14.70 13.71
N VAL A 144 0.56 -13.45 13.49
CA VAL A 144 0.03 -12.34 14.25
C VAL A 144 -0.54 -11.32 13.30
N HIS A 145 -1.57 -10.63 13.74
CA HIS A 145 -2.23 -9.61 12.92
C HIS A 145 -2.81 -8.55 13.84
N ASP A 146 -3.10 -7.37 13.31
CA ASP A 146 -3.66 -6.31 14.13
C ASP A 146 -5.18 -6.19 14.23
N LYS A 147 -5.93 -7.25 13.90
CA LYS A 147 -7.40 -7.15 14.02
C LYS A 147 -8.03 -6.16 13.08
N GLN A 148 -7.25 -5.63 12.16
CA GLN A 148 -7.77 -4.67 11.21
C GLN A 148 -7.95 -5.40 9.88
N GLN A 149 -8.87 -4.89 9.07
CA GLN A 149 -9.22 -5.41 7.77
C GLN A 149 -8.06 -5.93 6.91
N TYR A 150 -7.08 -5.08 6.68
CA TYR A 150 -5.91 -5.39 5.90
C TYR A 150 -5.05 -6.50 6.52
N GLY A 151 -4.71 -6.34 7.80
CA GLY A 151 -3.87 -7.31 8.49
C GLY A 151 -4.47 -8.67 8.75
N GLU A 152 -5.73 -8.71 9.15
CA GLU A 152 -6.36 -9.98 9.41
C GLU A 152 -6.64 -10.72 8.10
N GLY A 153 -7.16 -9.99 7.13
CA GLY A 153 -7.41 -10.58 5.82
C GLY A 153 -6.14 -11.28 5.34
N LEU A 154 -5.02 -10.56 5.34
CA LEU A 154 -3.75 -11.18 4.92
C LEU A 154 -3.32 -12.32 5.83
N ALA A 155 -3.49 -12.17 7.14
CA ALA A 155 -3.07 -13.21 8.08
C ALA A 155 -3.86 -14.50 7.87
N ARG A 156 -5.14 -14.36 7.57
CA ARG A 156 -5.99 -15.53 7.33
C ARG A 156 -5.68 -16.16 5.97
N ALA A 157 -5.39 -15.33 4.98
CA ALA A 157 -5.04 -15.84 3.67
C ALA A 157 -3.75 -16.67 3.79
N VAL A 158 -2.76 -16.14 4.49
CA VAL A 158 -1.51 -16.90 4.66
C VAL A 158 -1.74 -18.20 5.46
N GLN A 159 -2.53 -18.13 6.54
CA GLN A 159 -2.80 -19.33 7.32
C GLN A 159 -3.37 -20.39 6.39
N ASP A 160 -4.32 -19.94 5.58
CA ASP A 160 -4.98 -20.78 4.58
C ASP A 160 -4.01 -21.50 3.69
N GLY A 161 -3.12 -20.74 3.04
CA GLY A 161 -2.16 -21.35 2.16
C GLY A 161 -1.18 -22.29 2.86
N LEU A 162 -0.80 -21.98 4.10
CA LEU A 162 0.13 -22.83 4.84
C LEU A 162 -0.50 -24.16 5.21
N LYS A 163 -1.79 -24.14 5.55
CA LYS A 163 -2.52 -25.35 5.88
C LYS A 163 -2.52 -26.27 4.65
N LYS A 164 -2.85 -25.70 3.50
CA LYS A 164 -2.88 -26.47 2.25
C LYS A 164 -1.56 -27.17 2.02
N GLY A 165 -0.52 -26.65 2.64
CA GLY A 165 0.80 -27.24 2.48
C GLY A 165 1.14 -28.07 3.68
N ASN A 166 0.16 -28.22 4.56
CA ASN A 166 0.34 -28.99 5.76
C ASN A 166 1.54 -28.49 6.56
N ALA A 167 1.68 -27.17 6.68
CA ALA A 167 2.78 -26.61 7.46
C ALA A 167 2.36 -26.64 8.93
N ASN A 168 3.31 -26.42 9.84
CA ASN A 168 3.01 -26.45 11.28
C ASN A 168 2.74 -25.06 11.88
N VAL A 169 1.46 -24.65 11.88
CA VAL A 169 1.04 -23.36 12.44
C VAL A 169 0.74 -23.55 13.93
N VAL A 170 1.64 -23.08 14.79
CA VAL A 170 1.46 -23.26 16.23
C VAL A 170 0.36 -22.40 16.80
N PHE A 171 0.27 -21.16 16.36
CA PHE A 171 -0.81 -20.32 16.86
C PHE A 171 -1.10 -19.11 16.00
N PHE A 172 -2.33 -18.62 16.14
CA PHE A 172 -2.88 -17.50 15.41
C PHE A 172 -3.34 -16.53 16.49
N ASP A 173 -2.69 -15.36 16.54
CA ASP A 173 -2.89 -14.35 17.58
C ASP A 173 -3.15 -12.99 16.96
N GLY A 174 -4.06 -12.23 17.55
CA GLY A 174 -4.38 -10.90 17.07
C GLY A 174 -4.00 -9.90 18.15
N ILE A 175 -3.25 -8.85 17.80
CA ILE A 175 -2.84 -7.81 18.77
C ILE A 175 -3.57 -6.49 18.49
N THR A 176 -3.51 -5.58 19.46
CA THR A 176 -4.19 -4.28 19.32
C THR A 176 -3.21 -3.24 18.79
N ALA A 177 -3.58 -2.58 17.68
CA ALA A 177 -2.73 -1.53 17.10
C ALA A 177 -2.64 -0.36 18.07
N GLY A 178 -1.46 0.24 18.15
CA GLY A 178 -1.27 1.34 19.06
C GLY A 178 -0.49 0.85 20.28
N GLU A 179 -0.64 -0.42 20.65
CA GLU A 179 0.10 -0.92 21.81
C GLU A 179 1.58 -0.89 21.43
N LYS A 180 2.43 -0.47 22.37
CA LYS A 180 3.88 -0.36 22.15
C LYS A 180 4.58 -1.45 22.93
N ASP A 181 3.81 -2.13 23.74
CA ASP A 181 4.34 -3.16 24.61
C ASP A 181 3.90 -4.55 24.17
N PHE A 182 4.87 -5.39 23.81
CA PHE A 182 4.57 -6.75 23.38
C PHE A 182 5.31 -7.82 24.14
N SER A 183 5.70 -7.55 25.39
CA SER A 183 6.43 -8.56 26.15
C SER A 183 5.67 -9.88 26.21
N THR A 184 4.36 -9.83 26.33
CA THR A 184 3.56 -11.05 26.39
C THR A 184 3.77 -11.90 25.12
N LEU A 185 3.54 -11.32 23.94
CA LEU A 185 3.73 -12.01 22.67
C LEU A 185 5.14 -12.57 22.54
N VAL A 186 6.12 -11.73 22.78
CA VAL A 186 7.51 -12.13 22.70
C VAL A 186 7.84 -13.32 23.62
N ALA A 187 7.40 -13.24 24.87
CA ALA A 187 7.63 -14.31 25.82
C ALA A 187 6.98 -15.58 25.31
N ARG A 188 5.88 -15.42 24.58
CA ARG A 188 5.19 -16.58 24.05
C ARG A 188 5.96 -17.24 22.88
N LEU A 189 6.51 -16.41 22.00
CA LEU A 189 7.29 -16.90 20.87
C LEU A 189 8.47 -17.72 21.42
N LYS A 190 9.15 -17.16 22.44
CA LYS A 190 10.30 -17.82 23.11
C LYS A 190 9.87 -19.18 23.66
N LYS A 191 8.81 -19.15 24.47
CA LYS A 191 8.21 -20.33 25.08
C LYS A 191 7.89 -21.44 24.07
N GLU A 192 7.14 -21.09 23.03
CA GLU A 192 6.77 -22.02 21.96
C GLU A 192 7.95 -22.29 21.01
N ASN A 193 9.06 -21.59 21.22
CA ASN A 193 10.23 -21.80 20.36
C ASN A 193 9.83 -21.63 18.90
N ILE A 194 9.19 -20.50 18.61
CA ILE A 194 8.74 -20.19 17.27
C ILE A 194 9.95 -19.77 16.43
N ASP A 195 10.08 -20.36 15.24
CA ASP A 195 11.21 -20.01 14.38
C ASP A 195 10.78 -19.11 13.23
N PHE A 196 9.47 -18.97 13.02
CA PHE A 196 9.00 -18.14 11.93
C PHE A 196 7.70 -17.44 12.27
N VAL A 197 7.62 -16.14 11.98
CA VAL A 197 6.40 -15.40 12.27
C VAL A 197 5.91 -14.58 11.11
N TYR A 198 4.67 -14.79 10.68
CA TYR A 198 4.12 -13.95 9.63
C TYR A 198 3.26 -12.96 10.39
N TYR A 199 3.46 -11.68 10.11
CA TYR A 199 2.73 -10.61 10.75
C TYR A 199 1.92 -9.79 9.77
N GLY A 200 0.59 -9.83 9.90
CA GLY A 200 -0.24 -9.03 9.00
C GLY A 200 -0.60 -7.68 9.62
N GLY A 201 -0.03 -6.60 9.12
CA GLY A 201 -0.33 -5.30 9.68
C GLY A 201 0.60 -4.21 9.17
N TYR A 202 0.70 -3.11 9.93
CA TYR A 202 1.53 -1.94 9.61
C TYR A 202 2.85 -1.86 10.35
N HIS A 203 3.78 -1.04 9.84
CA HIS A 203 5.11 -0.87 10.45
C HIS A 203 5.18 -0.43 11.92
N PRO A 204 4.25 0.44 12.38
CA PRO A 204 4.37 0.81 13.81
C PRO A 204 4.43 -0.42 14.72
N GLU A 205 3.47 -1.30 14.55
CA GLU A 205 3.42 -2.51 15.35
C GLU A 205 4.56 -3.48 15.00
N MET A 206 4.82 -3.68 13.72
CA MET A 206 5.88 -4.59 13.33
C MET A 206 7.22 -4.13 13.93
N GLY A 207 7.49 -2.82 13.84
CA GLY A 207 8.72 -2.26 14.40
C GLY A 207 8.94 -2.58 15.87
N GLN A 208 7.88 -2.44 16.68
CA GLN A 208 7.97 -2.74 18.11
C GLN A 208 8.19 -4.24 18.34
N ILE A 209 7.43 -5.06 17.62
CA ILE A 209 7.55 -6.50 17.75
C ILE A 209 8.98 -6.93 17.45
N LEU A 210 9.54 -6.38 16.38
CA LEU A 210 10.89 -6.71 15.98
C LEU A 210 11.94 -6.33 17.01
N ARG A 211 11.91 -5.08 17.48
CA ARG A 211 12.88 -4.65 18.50
C ARG A 211 12.79 -5.52 19.73
N GLN A 212 11.57 -5.73 20.20
CA GLN A 212 11.39 -6.50 21.41
C GLN A 212 11.73 -7.97 21.25
N ALA A 213 11.66 -8.48 20.02
CA ALA A 213 12.02 -9.87 19.79
C ALA A 213 13.56 -10.04 19.84
N ARG A 214 14.29 -9.15 19.18
CA ARG A 214 15.74 -9.24 19.19
C ARG A 214 16.31 -8.96 20.57
N ALA A 215 15.68 -8.00 21.27
CA ALA A 215 16.13 -7.64 22.60
C ALA A 215 16.02 -8.80 23.56
N ALA A 216 15.13 -9.75 23.26
CA ALA A 216 14.95 -10.90 24.14
C ALA A 216 15.75 -12.11 23.68
N GLY A 217 16.69 -11.89 22.76
CA GLY A 217 17.52 -12.99 22.28
C GLY A 217 16.89 -13.98 21.32
N LEU A 218 15.80 -13.57 20.66
CA LEU A 218 15.13 -14.43 19.70
C LEU A 218 15.73 -14.27 18.30
N LYS A 219 15.96 -15.38 17.59
CA LYS A 219 16.47 -15.27 16.22
C LYS A 219 15.34 -15.57 15.24
N THR A 220 14.13 -15.65 15.77
CA THR A 220 12.95 -15.90 14.95
C THR A 220 12.97 -15.05 13.69
N GLN A 221 12.63 -15.68 12.57
CA GLN A 221 12.57 -15.01 11.29
C GLN A 221 11.16 -14.46 11.12
N PHE A 222 11.07 -13.21 10.68
CA PHE A 222 9.79 -12.55 10.49
C PHE A 222 9.52 -12.24 9.02
N MET A 223 8.25 -12.04 8.70
CA MET A 223 7.80 -11.69 7.36
C MET A 223 6.51 -10.86 7.46
N GLY A 224 6.44 -9.78 6.68
CA GLY A 224 5.25 -8.95 6.69
C GLY A 224 4.87 -8.51 5.29
N PRO A 225 3.70 -7.89 5.11
CA PRO A 225 3.20 -7.39 3.82
C PRO A 225 3.86 -6.06 3.44
N GLU A 226 3.50 -5.52 2.29
CA GLU A 226 4.12 -4.29 1.85
C GLU A 226 3.93 -3.18 2.88
N GLY A 227 2.93 -3.34 3.76
CA GLY A 227 2.66 -2.35 4.79
C GLY A 227 3.81 -2.13 5.77
N VAL A 228 4.73 -3.09 5.89
CA VAL A 228 5.86 -2.94 6.82
C VAL A 228 7.16 -2.59 6.08
N ALA A 229 7.11 -2.62 4.76
CA ALA A 229 8.29 -2.36 3.91
C ALA A 229 8.54 -0.90 3.63
N ASN A 230 9.08 -0.16 4.61
CA ASN A 230 9.32 1.28 4.42
C ASN A 230 10.30 1.83 5.43
N VAL A 231 10.86 3.00 5.15
CA VAL A 231 11.86 3.58 6.06
C VAL A 231 11.40 3.83 7.50
N SER A 232 10.10 3.97 7.73
CA SER A 232 9.67 4.17 9.09
C SER A 232 9.86 2.89 9.88
N LEU A 233 9.80 1.74 9.22
CA LEU A 233 10.00 0.49 9.97
C LEU A 233 11.44 0.49 10.47
N SER A 234 12.36 0.82 9.56
CA SER A 234 13.78 0.85 9.89
C SER A 234 14.05 1.92 10.95
N ASN A 235 13.38 3.06 10.85
CA ASN A 235 13.59 4.08 11.86
C ASN A 235 13.25 3.48 13.23
N ILE A 236 12.03 3.00 13.40
CA ILE A 236 11.57 2.41 14.67
C ILE A 236 12.39 1.23 15.17
N ALA A 237 12.61 0.24 14.30
CA ALA A 237 13.31 -0.97 14.73
C ALA A 237 14.83 -0.95 14.73
N GLY A 238 15.45 -0.01 14.03
CA GLY A 238 16.89 0.02 13.98
C GLY A 238 17.38 -1.25 13.29
N GLU A 239 18.48 -1.81 13.76
CA GLU A 239 19.03 -3.03 13.18
C GLU A 239 18.09 -4.24 13.28
N SER A 240 17.04 -4.14 14.08
CA SER A 240 16.14 -5.26 14.21
C SER A 240 15.24 -5.44 12.99
N ALA A 241 15.33 -4.51 12.03
CA ALA A 241 14.53 -4.63 10.81
C ALA A 241 15.31 -5.44 9.78
N GLU A 242 16.58 -5.72 10.06
CA GLU A 242 17.41 -6.48 9.14
C GLU A 242 16.98 -7.95 9.11
N GLY A 243 16.95 -8.53 7.92
CA GLY A 243 16.58 -9.93 7.81
C GLY A 243 15.11 -10.16 7.52
N LEU A 244 14.29 -9.15 7.76
CA LEU A 244 12.85 -9.24 7.54
C LEU A 244 12.52 -9.58 6.09
N LEU A 245 11.54 -10.47 5.92
CA LEU A 245 11.08 -10.84 4.57
C LEU A 245 9.82 -10.01 4.31
N VAL A 246 9.60 -9.57 3.08
CA VAL A 246 8.42 -8.80 2.77
C VAL A 246 7.93 -9.05 1.34
N THR A 247 6.61 -8.93 1.17
CA THR A 247 5.99 -9.04 -0.14
C THR A 247 5.80 -7.55 -0.39
N LYS A 248 5.93 -7.13 -1.64
CA LYS A 248 5.77 -5.72 -1.93
C LYS A 248 5.91 -5.45 -3.41
N PRO A 249 5.40 -4.30 -3.89
CA PRO A 249 5.53 -4.02 -5.32
C PRO A 249 7.00 -4.08 -5.77
N LYS A 250 7.19 -4.21 -7.07
CA LYS A 250 8.50 -4.30 -7.71
C LYS A 250 9.23 -2.97 -7.47
N ASN A 251 10.57 -2.97 -7.60
CA ASN A 251 11.32 -1.75 -7.38
C ASN A 251 11.26 -0.78 -8.55
N TYR A 252 10.10 -0.15 -8.76
CA TYR A 252 9.96 0.81 -9.86
C TYR A 252 10.98 1.94 -9.90
N ASP A 253 11.56 2.29 -8.76
CA ASP A 253 12.54 3.36 -8.73
C ASP A 253 13.85 2.87 -9.34
N GLN A 254 13.96 1.57 -9.59
CA GLN A 254 15.15 0.98 -10.20
C GLN A 254 15.02 0.83 -11.73
N VAL A 255 13.83 1.08 -12.28
CA VAL A 255 13.62 0.99 -13.73
C VAL A 255 14.45 2.13 -14.34
N PRO A 256 15.46 1.80 -15.15
CA PRO A 256 16.26 2.89 -15.71
C PRO A 256 15.49 3.99 -16.40
N ALA A 257 14.36 3.67 -17.01
CA ALA A 257 13.59 4.70 -17.69
C ALA A 257 13.08 5.75 -16.74
N ASN A 258 12.82 5.33 -15.51
CA ASN A 258 12.30 6.20 -14.44
C ASN A 258 13.34 7.12 -13.76
N LYS A 259 14.62 6.97 -14.07
CA LYS A 259 15.59 7.79 -13.38
C LYS A 259 15.32 9.32 -13.33
N PRO A 260 14.75 9.91 -14.40
CA PRO A 260 14.50 11.36 -14.31
C PRO A 260 13.61 11.75 -13.14
N ILE A 261 12.61 10.91 -12.86
CA ILE A 261 11.68 11.16 -11.77
C ILE A 261 12.44 10.97 -10.43
N VAL A 262 13.23 9.90 -10.32
CA VAL A 262 14.04 9.68 -9.13
C VAL A 262 14.88 10.93 -8.84
N ASP A 263 15.56 11.43 -9.87
CA ASP A 263 16.40 12.63 -9.76
C ASP A 263 15.61 13.87 -9.33
N ALA A 264 14.58 14.21 -10.08
CA ALA A 264 13.78 15.38 -9.74
C ALA A 264 13.36 15.31 -8.26
N ILE A 265 12.92 14.14 -7.81
CA ILE A 265 12.49 13.98 -6.41
C ILE A 265 13.65 14.19 -5.44
N LYS A 266 14.76 13.51 -5.67
CA LYS A 266 15.91 13.65 -4.80
C LYS A 266 16.38 15.11 -4.71
N ALA A 267 16.13 15.88 -5.77
CA ALA A 267 16.55 17.27 -5.82
C ALA A 267 15.75 18.15 -4.86
N LYS A 268 14.66 17.60 -4.33
CA LYS A 268 13.86 18.38 -3.39
C LYS A 268 14.10 17.79 -2.03
N LYS A 269 15.10 16.91 -1.96
CA LYS A 269 15.44 16.23 -0.71
C LYS A 269 14.31 15.32 -0.22
N GLN A 270 13.44 14.90 -1.14
CA GLN A 270 12.34 14.00 -0.78
C GLN A 270 12.76 12.57 -1.07
N ASP A 271 12.03 11.60 -0.52
CA ASP A 271 12.36 10.19 -0.67
C ASP A 271 11.57 9.52 -1.80
N PRO A 272 12.25 9.11 -2.89
CA PRO A 272 11.57 8.46 -4.03
C PRO A 272 11.58 6.94 -3.99
N SER A 273 12.09 6.36 -2.92
CA SER A 273 12.20 4.91 -2.88
C SER A 273 10.97 4.13 -2.44
N GLY A 274 9.98 4.80 -1.86
CA GLY A 274 8.77 4.11 -1.40
C GLY A 274 7.88 3.66 -2.55
N ALA A 275 7.29 2.48 -2.44
CA ALA A 275 6.44 1.95 -3.50
C ALA A 275 5.29 2.89 -3.88
N PHE A 276 4.75 3.59 -2.88
CA PHE A 276 3.62 4.51 -3.09
C PHE A 276 3.96 5.78 -3.85
N VAL A 277 5.23 6.08 -4.00
CA VAL A 277 5.58 7.24 -4.81
C VAL A 277 5.18 6.86 -6.26
N TRP A 278 5.45 5.60 -6.63
CA TRP A 278 5.19 5.05 -7.96
C TRP A 278 3.73 4.69 -8.28
N THR A 279 3.03 4.09 -7.33
CA THR A 279 1.64 3.75 -7.57
C THR A 279 0.88 5.08 -7.65
N THR A 280 1.28 6.03 -6.81
CA THR A 280 0.58 7.33 -6.85
C THR A 280 0.95 8.07 -8.13
N TYR A 281 2.22 8.06 -8.50
CA TYR A 281 2.60 8.72 -9.75
C TYR A 281 1.77 8.07 -10.89
N ALA A 282 1.73 6.73 -10.91
CA ALA A 282 0.94 5.95 -11.89
C ALA A 282 -0.56 6.34 -11.90
N ALA A 283 -1.14 6.49 -10.71
CA ALA A 283 -2.52 6.91 -10.55
C ALA A 283 -2.71 8.30 -11.19
N LEU A 284 -1.75 9.18 -11.02
CA LEU A 284 -1.89 10.48 -11.65
C LEU A 284 -1.83 10.34 -13.18
N GLN A 285 -1.00 9.43 -13.69
CA GLN A 285 -0.86 9.25 -15.16
C GLN A 285 -2.08 8.59 -15.78
N SER A 286 -2.79 7.82 -14.97
CA SER A 286 -4.01 7.14 -15.38
C SER A 286 -5.09 8.20 -15.49
N LEU A 287 -5.13 9.07 -14.49
CA LEU A 287 -6.09 10.17 -14.46
C LEU A 287 -5.83 11.14 -15.61
N GLN A 288 -4.57 11.33 -15.97
CA GLN A 288 -4.19 12.20 -17.10
C GLN A 288 -4.74 11.58 -18.39
N ALA A 289 -4.52 10.28 -18.54
CA ALA A 289 -4.98 9.58 -19.72
C ALA A 289 -6.48 9.73 -19.83
N GLY A 290 -7.14 9.66 -18.68
CA GLY A 290 -8.58 9.81 -18.64
C GLY A 290 -9.10 11.19 -18.97
N LEU A 291 -8.49 12.20 -18.35
CA LEU A 291 -8.89 13.59 -18.54
C LEU A 291 -8.61 14.03 -19.96
N ASN A 292 -7.81 13.27 -20.68
CA ASN A 292 -7.55 13.65 -22.05
C ASN A 292 -8.74 13.24 -22.93
N GLN A 293 -9.53 12.28 -22.43
CA GLN A 293 -10.70 11.82 -23.16
C GLN A 293 -11.98 12.47 -22.68
N SER A 294 -12.13 12.65 -21.37
CA SER A 294 -13.34 13.23 -20.83
C SER A 294 -13.14 13.73 -19.41
N ASP A 295 -14.06 14.58 -18.97
CA ASP A 295 -14.01 15.17 -17.64
C ASP A 295 -15.03 14.50 -16.73
N ASP A 296 -15.78 13.58 -17.32
CA ASP A 296 -16.82 12.88 -16.58
C ASP A 296 -16.30 11.59 -15.97
N PRO A 297 -16.47 11.44 -14.65
CA PRO A 297 -16.02 10.23 -13.95
C PRO A 297 -16.33 8.89 -14.64
N ALA A 298 -17.59 8.65 -14.93
CA ALA A 298 -17.99 7.39 -15.58
C ALA A 298 -17.22 7.17 -16.88
N GLU A 299 -17.13 8.23 -17.68
CA GLU A 299 -16.43 8.15 -18.97
C GLU A 299 -14.97 7.77 -18.78
N ILE A 300 -14.33 8.40 -17.79
CA ILE A 300 -12.94 8.14 -17.49
C ILE A 300 -12.81 6.68 -17.08
N ALA A 301 -13.62 6.27 -16.09
CA ALA A 301 -13.58 4.88 -15.62
C ALA A 301 -13.75 3.88 -16.78
N LYS A 302 -14.73 4.14 -17.64
CA LYS A 302 -14.99 3.30 -18.80
C LYS A 302 -13.73 3.24 -19.64
N TYR A 303 -13.26 4.41 -20.08
CA TYR A 303 -12.08 4.51 -20.90
C TYR A 303 -10.86 3.74 -20.32
N LEU A 304 -10.63 3.84 -19.01
CA LEU A 304 -9.50 3.12 -18.44
C LEU A 304 -9.63 1.59 -18.55
N LYS A 305 -10.82 1.08 -18.27
CA LYS A 305 -10.99 -0.37 -18.34
C LYS A 305 -10.93 -0.86 -19.78
N ALA A 306 -10.99 0.08 -20.72
CA ALA A 306 -10.97 -0.25 -22.15
C ALA A 306 -9.59 -0.22 -22.76
N ASN A 307 -8.67 0.46 -22.08
CA ASN A 307 -7.33 0.61 -22.59
C ASN A 307 -6.19 0.17 -21.68
N SER A 308 -5.02 0.14 -22.29
CA SER A 308 -3.77 -0.18 -21.62
C SER A 308 -3.12 1.21 -21.56
N VAL A 309 -2.73 1.65 -20.36
CA VAL A 309 -2.11 2.96 -20.20
C VAL A 309 -0.64 2.82 -19.76
N ASP A 310 0.25 3.48 -20.47
CA ASP A 310 1.67 3.40 -20.11
C ASP A 310 1.97 4.29 -18.92
N THR A 311 2.65 3.72 -17.94
CA THR A 311 2.99 4.44 -16.73
C THR A 311 4.37 4.07 -16.21
N VAL A 312 4.80 4.78 -15.17
CA VAL A 312 6.07 4.49 -14.52
C VAL A 312 6.09 3.06 -13.97
N MET A 313 4.92 2.42 -13.89
CA MET A 313 4.81 1.04 -13.40
C MET A 313 4.77 0.03 -14.55
N GLY A 314 4.80 0.51 -15.78
CA GLY A 314 4.69 -0.38 -16.92
C GLY A 314 3.28 -0.19 -17.44
N PRO A 315 2.85 -0.90 -18.51
CA PRO A 315 1.49 -0.71 -19.02
C PRO A 315 0.47 -1.29 -18.04
N LEU A 316 -0.60 -0.54 -17.86
CA LEU A 316 -1.63 -0.95 -16.93
C LEU A 316 -2.95 -1.18 -17.65
N THR A 317 -3.64 -2.21 -17.21
CA THR A 317 -4.94 -2.52 -17.77
C THR A 317 -5.76 -3.00 -16.56
N TRP A 318 -7.04 -2.61 -16.50
CA TRP A 318 -7.92 -2.96 -15.38
C TRP A 318 -9.07 -3.86 -15.76
N ASP A 319 -9.53 -4.70 -14.82
CA ASP A 319 -10.66 -5.56 -15.12
C ASP A 319 -11.93 -4.72 -14.88
N GLU A 320 -13.09 -5.33 -14.96
CA GLU A 320 -14.31 -4.57 -14.76
C GLU A 320 -14.50 -4.11 -13.33
N LYS A 321 -13.85 -4.77 -12.38
CA LYS A 321 -13.96 -4.39 -10.96
C LYS A 321 -13.07 -3.19 -10.67
N GLY A 322 -12.15 -2.90 -11.59
CA GLY A 322 -11.21 -1.80 -11.38
C GLY A 322 -9.85 -2.22 -10.80
N ASP A 323 -9.53 -3.51 -10.89
CA ASP A 323 -8.25 -4.03 -10.39
C ASP A 323 -7.23 -4.21 -11.51
N LEU A 324 -5.95 -4.17 -11.15
CA LEU A 324 -4.91 -4.33 -12.16
C LEU A 324 -4.79 -5.77 -12.64
N LYS A 325 -4.86 -5.97 -13.95
CA LYS A 325 -4.71 -7.32 -14.48
C LYS A 325 -3.24 -7.72 -14.39
N GLY A 326 -2.98 -8.94 -13.94
CA GLY A 326 -1.62 -9.42 -13.85
C GLY A 326 -0.68 -8.76 -12.86
N PHE A 327 -1.20 -8.05 -11.87
CA PHE A 327 -0.30 -7.44 -10.91
C PHE A 327 0.34 -8.51 -10.05
N GLU A 328 1.61 -8.33 -9.71
CA GLU A 328 2.33 -9.32 -8.89
C GLU A 328 3.25 -8.69 -7.84
N PHE A 329 3.22 -9.22 -6.64
CA PHE A 329 4.07 -8.71 -5.57
C PHE A 329 5.30 -9.60 -5.54
N GLY A 330 6.46 -9.04 -5.26
CA GLY A 330 7.64 -9.85 -5.21
C GLY A 330 7.97 -10.08 -3.74
N VAL A 331 8.87 -11.01 -3.45
CA VAL A 331 9.30 -11.22 -2.08
C VAL A 331 10.72 -10.66 -1.98
N PHE A 332 11.00 -9.82 -0.99
CA PHE A 332 12.32 -9.21 -0.83
C PHE A 332 12.90 -9.35 0.58
N ASP A 333 14.18 -9.06 0.69
CA ASP A 333 14.83 -9.04 1.99
C ASP A 333 14.89 -7.55 2.30
N TRP A 334 14.42 -7.17 3.48
CA TRP A 334 14.46 -5.76 3.87
C TRP A 334 15.71 -5.57 4.70
N HIS A 335 16.29 -4.38 4.59
CA HIS A 335 17.52 -4.03 5.30
C HIS A 335 17.31 -2.78 6.16
N ALA A 336 18.05 -2.68 7.26
CA ALA A 336 17.95 -1.53 8.16
C ALA A 336 18.17 -0.25 7.35
N ASN A 337 18.90 -0.43 6.26
CA ASN A 337 19.27 0.57 5.27
C ASN A 337 18.12 1.32 4.59
N GLY A 338 16.92 0.75 4.64
CA GLY A 338 15.80 1.36 3.96
C GLY A 338 15.83 0.80 2.55
N THR A 339 16.77 -0.10 2.33
CA THR A 339 16.94 -0.76 1.05
C THR A 339 16.25 -2.14 1.05
N ALA A 340 15.99 -2.69 -0.14
CA ALA A 340 15.34 -3.99 -0.31
C ALA A 340 15.93 -4.80 -1.48
N THR A 341 16.29 -6.05 -1.25
CA THR A 341 16.86 -6.86 -2.31
C THR A 341 16.05 -8.12 -2.53
N ASP A 342 16.11 -8.65 -3.75
CA ASP A 342 15.37 -9.86 -4.12
C ASP A 342 15.70 -10.97 -3.13
N ALA A 343 14.66 -11.60 -2.58
CA ALA A 343 14.86 -12.67 -1.59
C ALA A 343 15.30 -13.94 -2.29
N LYS A 344 16.09 -14.75 -1.58
CA LYS A 344 16.59 -16.02 -2.13
C LYS A 344 15.45 -16.87 -2.64
CD CD B . -24.36 3.94 -0.54
CD CD C . -25.78 13.48 -3.11
CD CD D . -11.08 -10.67 14.08
N VAL E . -2.26 -1.80 1.58
CA VAL E . -2.54 -1.38 2.98
C VAL E . -4.04 -1.22 3.20
O VAL E . -4.47 -0.76 4.28
CB VAL E . -1.77 -0.05 3.33
CG1 VAL E . -0.24 -0.33 3.41
CG2 VAL E . -2.02 0.98 2.28
OXT VAL E . -4.79 -1.56 2.25
#